data_7M2O
#
_entry.id   7M2O
#
_cell.length_a   96.904
_cell.length_b   96.904
_cell.length_c   79.536
_cell.angle_alpha   90.00
_cell.angle_beta   90.00
_cell.angle_gamma   90.00
#
_symmetry.space_group_name_H-M   'I 4'
#
loop_
_entity.id
_entity.type
_entity.pdbx_description
1 polymer 'Hydroxyacid oxidase 1'
2 non-polymer 'FLAVIN MONONUCLEOTIDE'
3 non-polymer "5-[(5'-{1-(4-carboxy-1,3-thiazol-2-yl)-5-(cyclopropylmethyl)-4-[(3-fluoro-4-sulfamoylphenyl)methyl]-1H-pyrazol-3-yl}-2'-fluoro[1,1'-biphenyl]-4-yl)oxy]-1H-1,2,3-triazole-4-carboxylic acid"
4 non-polymer 1,2-ETHANEDIOL
5 non-polymer DI(HYDROXYETHYL)ETHER
6 water water
#
_entity_poly.entity_id   1
_entity_poly.type   'polypeptide(L)'
_entity_poly.pdbx_seq_one_letter_code
;GSHMASMTGGQQMGRGSMLPRLICINDYEQHAKSVLPKSIYDYYRSGANDEETLADNIAAFSRWKLYPRMLRNVAETDLS
TSVLGQRVSMPICVGATAMQRMAHVDGELATVRACQSLGTGMMLSSWATSSIEEVAEAGPEALRWLQLYIYKDREVTKKL
VRQAEKMGYKAIFVTVDTPYLGNRLDDVRNRFKLPPQLRMKNFETSTLSFSPEENFGDDSGLAAYVAKAIDPSISWEDIK
WLRRLTSLPIVAKGILRGDDAREAVKHGLNGILVSNHGARQLDGVPATIDVLPEIVEAVEGKVEVFLDGGVRKGTDVLKA
LALGAKAVFVGRPIVWGLAFQGEKGVQDVLEILKEEFRLAMALSGCQNVKVIDKTLVRKNPLAVSKI
;
_entity_poly.pdbx_strand_id   A
#
# COMPACT_ATOMS: atom_id res chain seq x y z
N SER A 17 4.33 17.76 18.87
CA SER A 17 4.84 17.62 20.28
C SER A 17 3.81 16.91 21.17
N MET A 18 2.96 16.04 20.59
CA MET A 18 1.94 15.20 21.29
C MET A 18 2.65 14.00 21.96
N LEU A 19 2.10 13.48 23.07
CA LEU A 19 2.77 12.44 23.92
C LEU A 19 1.99 11.13 23.87
N PRO A 20 2.66 9.96 24.06
CA PRO A 20 4.12 9.87 24.11
C PRO A 20 4.81 10.38 22.84
N ARG A 21 6.13 10.58 22.94
CA ARG A 21 6.95 11.16 21.86
C ARG A 21 7.31 10.03 20.86
N LEU A 22 6.66 10.04 19.70
CA LEU A 22 6.81 8.98 18.66
C LEU A 22 7.58 9.59 17.49
N ILE A 23 8.68 8.99 17.09
CA ILE A 23 9.59 9.65 16.12
C ILE A 23 9.83 8.72 14.92
N CYS A 24 9.24 7.54 14.91
CA CYS A 24 9.36 6.60 13.78
C CYS A 24 8.12 5.72 13.77
N ILE A 25 7.96 4.99 12.69
CA ILE A 25 6.74 4.16 12.49
C ILE A 25 6.71 3.06 13.56
N ASN A 26 7.85 2.45 13.94
CA ASN A 26 7.83 1.39 14.97
C ASN A 26 7.34 1.98 16.31
N ASP A 27 7.56 3.28 16.60
CA ASP A 27 7.01 3.90 17.83
C ASP A 27 5.48 3.93 17.74
N TYR A 28 4.90 4.22 16.57
CA TYR A 28 3.42 4.22 16.38
C TYR A 28 2.87 2.82 16.66
N GLU A 29 3.55 1.77 16.18
CA GLU A 29 3.09 0.39 16.44
C GLU A 29 3.11 0.09 17.96
N GLN A 30 4.20 0.42 18.64
CA GLN A 30 4.39 0.16 20.10
CA GLN A 30 4.36 0.11 20.09
C GLN A 30 3.28 0.88 20.87
N HIS A 31 2.99 2.14 20.52
CA HIS A 31 1.87 2.89 21.10
C HIS A 31 0.54 2.15 20.86
N ALA A 32 0.28 1.69 19.64
CA ALA A 32 -0.98 1.00 19.30
C ALA A 32 -1.14 -0.24 20.18
N LYS A 33 -0.12 -1.05 20.33
CA LYS A 33 -0.15 -2.27 21.16
C LYS A 33 -0.51 -1.90 22.62
N SER A 34 -0.14 -0.72 23.08
CA SER A 34 -0.41 -0.28 24.48
C SER A 34 -1.84 0.22 24.65
N VAL A 35 -2.54 0.69 23.61
CA VAL A 35 -3.89 1.30 23.78
C VAL A 35 -5.00 0.48 23.11
N LEU A 36 -4.72 -0.38 22.10
CA LEU A 36 -5.79 -1.16 21.45
C LEU A 36 -6.14 -2.40 22.27
N PRO A 37 -7.41 -2.86 22.27
CA PRO A 37 -7.73 -4.16 22.85
C PRO A 37 -6.85 -5.21 22.15
N LYS A 38 -6.38 -6.24 22.86
CA LYS A 38 -5.46 -7.27 22.32
C LYS A 38 -5.98 -7.78 20.96
N SER A 39 -7.24 -8.16 20.89
CA SER A 39 -7.81 -8.87 19.71
C SER A 39 -7.79 -7.94 18.50
N ILE A 40 -7.84 -6.61 18.71
CA ILE A 40 -7.78 -5.60 17.62
C ILE A 40 -6.34 -5.42 17.17
N TYR A 41 -5.42 -5.16 18.10
CA TYR A 41 -3.98 -5.07 17.82
C TYR A 41 -3.52 -6.36 17.09
N ASP A 42 -3.83 -7.53 17.63
CA ASP A 42 -3.46 -8.84 17.01
C ASP A 42 -3.99 -8.89 15.57
N TYR A 43 -5.23 -8.46 15.33
CA TYR A 43 -5.84 -8.55 13.97
C TYR A 43 -5.00 -7.72 12.98
N TYR A 44 -4.63 -6.51 13.38
CA TYR A 44 -3.85 -5.55 12.56
C TYR A 44 -2.40 -6.05 12.42
N ARG A 45 -1.77 -6.57 13.47
CA ARG A 45 -0.33 -6.97 13.45
C ARG A 45 -0.13 -8.23 12.59
N SER A 46 -1.09 -9.19 12.62
CA SER A 46 -0.83 -10.60 12.28
C SER A 46 -0.38 -10.78 10.82
N GLY A 47 0.49 -11.79 10.62
CA GLY A 47 0.73 -12.43 9.33
C GLY A 47 -0.02 -13.75 9.29
N ALA A 48 0.22 -14.56 8.27
CA ALA A 48 -0.39 -15.89 8.11
C ALA A 48 0.51 -16.94 8.80
N ASN A 49 -0.09 -17.90 9.50
CA ASN A 49 0.58 -19.14 9.95
C ASN A 49 1.82 -18.76 10.79
N ASP A 50 3.03 -19.18 10.44
CA ASP A 50 4.22 -18.93 11.30
C ASP A 50 4.80 -17.54 11.02
N GLU A 51 4.19 -16.72 10.14
CA GLU A 51 4.65 -15.32 9.94
C GLU A 51 6.08 -15.28 9.41
N GLU A 52 6.44 -16.22 8.55
CA GLU A 52 7.78 -16.26 7.89
C GLU A 52 7.90 -15.06 6.93
N THR A 53 6.89 -14.86 6.07
CA THR A 53 6.88 -13.76 5.08
C THR A 53 6.78 -12.40 5.81
N LEU A 54 6.02 -12.33 6.91
CA LEU A 54 5.87 -11.12 7.74
C LEU A 54 7.27 -10.64 8.16
N ALA A 55 8.08 -11.52 8.74
CA ALA A 55 9.44 -11.15 9.18
C ALA A 55 10.26 -10.76 7.94
N ASP A 56 10.07 -11.45 6.81
CA ASP A 56 10.97 -11.31 5.63
C ASP A 56 10.61 -10.02 4.86
N ASN A 57 9.37 -9.56 4.91
CA ASN A 57 8.96 -8.30 4.21
C ASN A 57 9.86 -7.17 4.73
N ILE A 58 10.14 -7.19 6.03
CA ILE A 58 11.03 -6.23 6.73
C ILE A 58 12.48 -6.62 6.52
N ALA A 59 12.87 -7.89 6.77
CA ALA A 59 14.30 -8.28 6.79
C ALA A 59 14.87 -8.10 5.38
N ALA A 60 14.08 -8.35 4.34
CA ALA A 60 14.55 -8.31 2.95
C ALA A 60 15.01 -6.89 2.60
N PHE A 61 14.34 -5.86 3.08
CA PHE A 61 14.78 -4.48 2.82
C PHE A 61 16.22 -4.28 3.38
N SER A 62 16.56 -4.83 4.54
CA SER A 62 17.89 -4.64 5.17
CA SER A 62 17.89 -4.64 5.16
C SER A 62 18.99 -5.32 4.33
N ARG A 63 18.63 -6.35 3.55
CA ARG A 63 19.63 -7.06 2.71
C ARG A 63 19.96 -6.31 1.43
N TRP A 64 19.10 -5.38 0.99
CA TRP A 64 19.40 -4.47 -0.15
C TRP A 64 20.19 -3.27 0.38
N LYS A 65 21.42 -3.11 -0.10
CA LYS A 65 22.37 -2.13 0.45
C LYS A 65 22.37 -0.91 -0.49
N LEU A 66 22.50 0.28 0.07
CA LEU A 66 22.50 1.54 -0.72
C LEU A 66 23.93 1.95 -1.06
N TYR A 67 24.13 2.47 -2.26
CA TYR A 67 25.43 2.98 -2.78
C TYR A 67 25.27 4.46 -3.10
N PRO A 68 25.37 5.35 -2.08
CA PRO A 68 25.07 6.76 -2.27
C PRO A 68 26.11 7.47 -3.14
N ARG A 69 25.61 8.33 -4.04
CA ARG A 69 26.46 9.26 -4.83
C ARG A 69 26.69 10.54 -4.01
N MET A 70 27.96 10.93 -3.88
CA MET A 70 28.39 12.15 -3.17
C MET A 70 28.47 13.33 -4.16
N LEU A 71 28.34 14.54 -3.65
CA LEU A 71 28.60 15.83 -4.36
C LEU A 71 27.63 16.00 -5.53
N ARG A 72 26.33 15.72 -5.36
N ARG A 72 26.37 15.63 -5.25
CA ARG A 72 25.35 15.82 -6.50
CA ARG A 72 25.16 16.04 -5.97
C ARG A 72 24.54 17.12 -6.40
C ARG A 72 24.49 17.15 -5.17
N ASN A 73 24.59 17.83 -5.28
N ASN A 73 24.24 18.27 -5.83
CA ASN A 73 23.74 19.02 -5.05
CA ASN A 73 23.48 19.39 -5.22
C ASN A 73 22.32 18.56 -4.71
C ASN A 73 22.16 18.80 -4.73
N VAL A 74 21.98 18.61 -3.42
CA VAL A 74 20.68 18.14 -2.87
C VAL A 74 20.09 19.28 -2.05
N ALA A 75 20.40 20.53 -2.40
CA ALA A 75 19.86 21.73 -1.72
C ALA A 75 18.33 21.75 -1.86
N GLU A 76 17.84 21.37 -3.01
CA GLU A 76 16.38 21.39 -3.27
C GLU A 76 16.09 19.95 -3.56
N THR A 77 15.23 19.32 -2.77
CA THR A 77 14.68 17.98 -3.05
C THR A 77 13.25 18.15 -3.47
N ASP A 78 12.86 17.38 -4.46
CA ASP A 78 11.49 17.37 -4.97
C ASP A 78 11.09 15.89 -4.93
N LEU A 79 10.11 15.58 -4.09
CA LEU A 79 9.64 14.19 -3.90
C LEU A 79 8.46 13.90 -4.85
N SER A 80 7.95 14.89 -5.60
CA SER A 80 6.75 14.73 -6.44
C SER A 80 6.96 13.68 -7.55
N THR A 81 5.86 13.06 -7.93
CA THR A 81 5.82 11.99 -8.93
C THR A 81 4.37 11.90 -9.39
N SER A 82 4.06 10.85 -10.10
CA SER A 82 2.70 10.61 -10.61
C SER A 82 2.42 9.12 -10.37
N VAL A 83 1.17 8.82 -10.10
CA VAL A 83 0.62 7.44 -10.06
C VAL A 83 -0.51 7.36 -11.11
N LEU A 84 -0.39 6.47 -12.09
CA LEU A 84 -1.46 6.22 -13.10
C LEU A 84 -1.93 7.54 -13.72
N GLY A 85 -1.01 8.47 -13.95
CA GLY A 85 -1.21 9.72 -14.70
C GLY A 85 -1.66 10.86 -13.81
N GLN A 86 -1.72 10.67 -12.49
CA GLN A 86 -2.20 11.69 -11.52
C GLN A 86 -1.01 12.11 -10.63
N ARG A 87 -0.80 13.41 -10.47
CA ARG A 87 0.34 13.97 -9.70
C ARG A 87 0.14 13.60 -8.22
N VAL A 88 1.23 13.27 -7.54
CA VAL A 88 1.27 13.12 -6.06
C VAL A 88 2.52 13.85 -5.52
N SER A 89 2.48 14.18 -4.24
CA SER A 89 3.50 14.97 -3.53
C SER A 89 4.70 14.09 -3.21
N MET A 90 4.50 12.76 -3.23
CA MET A 90 5.57 11.81 -2.85
C MET A 90 5.13 10.42 -3.31
N PRO A 91 6.11 9.51 -3.52
CA PRO A 91 5.84 8.16 -4.01
C PRO A 91 5.50 7.19 -2.86
N ILE A 92 4.57 7.64 -2.03
CA ILE A 92 4.24 7.03 -0.71
C ILE A 92 2.74 7.27 -0.55
N CYS A 93 1.95 6.22 -0.70
CA CYS A 93 0.47 6.30 -0.75
C CYS A 93 -0.13 5.33 0.26
N VAL A 94 -1.34 5.63 0.67
CA VAL A 94 -2.10 4.78 1.62
C VAL A 94 -2.68 3.57 0.87
N GLY A 95 -2.33 2.35 1.32
CA GLY A 95 -2.96 1.10 0.87
C GLY A 95 -4.26 0.79 1.58
N ALA A 96 -5.10 -0.03 0.95
CA ALA A 96 -6.38 -0.51 1.47
C ALA A 96 -6.14 -1.30 2.76
N THR A 97 -6.75 -0.84 3.85
CA THR A 97 -6.80 -1.59 5.13
C THR A 97 -8.25 -1.57 5.62
N ALA A 98 -8.89 -2.74 5.73
CA ALA A 98 -10.29 -2.85 6.20
C ALA A 98 -10.35 -2.43 7.68
N MET A 99 -11.52 -1.98 8.12
CA MET A 99 -11.89 -1.82 9.56
C MET A 99 -11.00 -0.80 10.25
N GLN A 100 -10.80 0.33 9.59
CA GLN A 100 -10.09 1.52 10.16
C GLN A 100 -10.89 2.09 11.34
N ARG A 101 -12.21 1.93 11.35
CA ARG A 101 -13.06 2.45 12.46
C ARG A 101 -12.77 1.68 13.76
N MET A 102 -12.18 0.48 13.73
CA MET A 102 -11.72 -0.18 14.96
C MET A 102 -10.51 0.55 15.54
N ALA A 103 -9.79 1.35 14.75
CA ALA A 103 -8.57 2.04 15.22
C ALA A 103 -8.92 3.42 15.76
N HIS A 104 -9.91 4.05 15.15
CA HIS A 104 -10.32 5.44 15.47
C HIS A 104 -11.74 5.65 14.94
N VAL A 105 -12.57 6.35 15.72
CA VAL A 105 -14.01 6.64 15.38
CA VAL A 105 -14.00 6.63 15.38
C VAL A 105 -14.11 7.24 13.96
N ASP A 106 -13.17 8.08 13.56
CA ASP A 106 -13.22 8.76 12.24
C ASP A 106 -12.81 7.79 11.11
N GLY A 107 -12.06 6.74 11.43
CA GLY A 107 -11.69 5.71 10.44
C GLY A 107 -11.21 6.33 9.12
N GLU A 108 -11.82 5.91 8.01
CA GLU A 108 -11.38 6.21 6.63
C GLU A 108 -11.56 7.70 6.33
N LEU A 109 -12.45 8.40 7.04
CA LEU A 109 -12.71 9.86 6.88
C LEU A 109 -11.47 10.61 7.41
N ALA A 110 -10.94 10.21 8.56
CA ALA A 110 -9.62 10.70 9.06
C ALA A 110 -8.51 10.46 8.02
N THR A 111 -8.43 9.24 7.48
CA THR A 111 -7.35 8.84 6.54
C THR A 111 -7.36 9.73 5.31
N VAL A 112 -8.49 9.83 4.64
CA VAL A 112 -8.60 10.61 3.38
C VAL A 112 -8.27 12.09 3.62
N ARG A 113 -8.67 12.63 4.76
CA ARG A 113 -8.36 14.04 5.13
C ARG A 113 -6.85 14.19 5.24
N ALA A 114 -6.14 13.27 5.91
CA ALA A 114 -4.66 13.30 5.99
C ALA A 114 -4.05 13.20 4.59
N CYS A 115 -4.60 12.36 3.72
CA CYS A 115 -4.07 12.20 2.34
C CYS A 115 -4.25 13.54 1.61
N GLN A 116 -5.42 14.16 1.75
CA GLN A 116 -5.69 15.49 1.12
C GLN A 116 -4.63 16.47 1.59
N SER A 117 -4.39 16.59 2.89
CA SER A 117 -3.35 17.49 3.45
C SER A 117 -1.97 17.17 2.86
N LEU A 118 -1.59 15.91 2.72
CA LEU A 118 -0.22 15.51 2.27
C LEU A 118 -0.08 15.69 0.76
N GLY A 119 -1.19 15.70 0.01
CA GLY A 119 -1.18 15.66 -1.47
C GLY A 119 -0.84 14.27 -2.03
N THR A 120 -1.12 13.20 -1.28
CA THR A 120 -0.90 11.79 -1.73
C THR A 120 -2.27 11.11 -1.88
N GLY A 121 -2.26 9.89 -2.44
CA GLY A 121 -3.46 9.13 -2.76
C GLY A 121 -3.81 8.15 -1.69
N MET A 122 -5.11 7.89 -1.57
CA MET A 122 -5.67 6.87 -0.67
C MET A 122 -6.36 5.79 -1.52
N MET A 123 -5.97 4.53 -1.29
CA MET A 123 -6.65 3.33 -1.82
C MET A 123 -7.68 2.92 -0.74
N LEU A 124 -8.97 3.04 -1.05
CA LEU A 124 -10.07 2.67 -0.13
C LEU A 124 -10.45 1.18 -0.27
N SER A 125 -10.49 0.43 0.84
CA SER A 125 -10.96 -0.97 0.95
C SER A 125 -12.36 -1.10 0.34
N SER A 126 -12.63 -2.14 -0.46
CA SER A 126 -14.01 -2.33 -1.01
C SER A 126 -14.99 -2.72 0.11
N TRP A 127 -14.54 -3.03 1.33
CA TRP A 127 -15.44 -3.10 2.51
C TRP A 127 -14.89 -2.31 3.71
N ALA A 128 -14.62 -1.02 3.46
CA ALA A 128 -14.40 0.07 4.41
C ALA A 128 -15.61 0.24 5.34
N THR A 129 -15.35 0.70 6.57
CA THR A 129 -16.37 1.14 7.55
C THR A 129 -16.95 2.52 7.17
N SER A 130 -16.53 3.12 6.04
CA SER A 130 -17.11 4.35 5.40
C SER A 130 -17.44 4.07 3.92
N SER A 131 -18.51 4.65 3.41
CA SER A 131 -18.97 4.47 2.01
C SER A 131 -18.04 5.22 1.05
N ILE A 132 -18.04 4.82 -0.21
CA ILE A 132 -17.34 5.53 -1.32
C ILE A 132 -17.77 7.02 -1.33
N GLU A 133 -19.06 7.28 -1.20
CA GLU A 133 -19.57 8.67 -1.21
C GLU A 133 -19.08 9.45 0.02
N GLU A 134 -19.15 8.88 1.22
CA GLU A 134 -18.69 9.55 2.48
C GLU A 134 -17.23 9.97 2.34
N VAL A 135 -16.38 9.07 1.83
CA VAL A 135 -14.92 9.33 1.73
C VAL A 135 -14.66 10.43 0.68
N ALA A 136 -15.40 10.42 -0.42
CA ALA A 136 -15.31 11.48 -1.45
C ALA A 136 -15.71 12.85 -0.85
N GLU A 137 -16.73 12.87 0.02
CA GLU A 137 -17.20 14.11 0.71
C GLU A 137 -16.18 14.58 1.73
N ALA A 138 -15.56 13.67 2.48
CA ALA A 138 -14.52 14.06 3.46
C ALA A 138 -13.28 14.57 2.70
N GLY A 139 -12.97 14.03 1.51
CA GLY A 139 -11.70 14.30 0.83
C GLY A 139 -11.91 14.66 -0.64
N PRO A 140 -12.74 15.69 -0.93
CA PRO A 140 -13.15 15.94 -2.32
C PRO A 140 -11.93 16.28 -3.19
N GLU A 141 -10.88 16.88 -2.65
CA GLU A 141 -9.63 17.18 -3.39
C GLU A 141 -8.58 16.09 -3.22
N ALA A 142 -8.81 15.02 -2.46
CA ALA A 142 -7.79 13.97 -2.28
C ALA A 142 -7.78 13.13 -3.56
N LEU A 143 -6.59 12.70 -4.00
CA LEU A 143 -6.48 11.58 -4.98
C LEU A 143 -7.00 10.30 -4.30
N ARG A 144 -8.03 9.67 -4.87
CA ARG A 144 -8.73 8.51 -4.29
C ARG A 144 -8.84 7.39 -5.30
N TRP A 145 -8.53 6.17 -4.85
CA TRP A 145 -8.67 4.94 -5.68
C TRP A 145 -9.52 3.95 -4.92
N LEU A 146 -10.19 3.05 -5.63
CA LEU A 146 -11.00 1.99 -4.98
C LEU A 146 -10.27 0.68 -5.10
N GLN A 147 -10.09 -0.01 -3.98
CA GLN A 147 -9.67 -1.42 -3.98
C GLN A 147 -10.94 -2.25 -4.10
N LEU A 148 -10.92 -3.23 -4.99
CA LEU A 148 -12.09 -4.02 -5.42
C LEU A 148 -11.77 -5.48 -5.18
N TYR A 149 -12.69 -6.18 -4.58
CA TYR A 149 -12.81 -7.66 -4.67
C TYR A 149 -13.91 -7.95 -5.69
N ILE A 150 -13.72 -8.98 -6.51
CA ILE A 150 -14.81 -9.53 -7.36
C ILE A 150 -15.61 -10.45 -6.44
N TYR A 151 -16.74 -9.94 -6.00
CA TYR A 151 -17.69 -10.69 -5.13
C TYR A 151 -18.44 -11.71 -5.99
N LYS A 152 -18.85 -12.81 -5.36
CA LYS A 152 -19.77 -13.79 -5.99
C LYS A 152 -20.94 -13.02 -6.58
N ASP A 153 -21.40 -12.01 -5.87
CA ASP A 153 -22.46 -11.09 -6.35
C ASP A 153 -21.84 -10.03 -7.28
N ARG A 154 -21.86 -10.23 -8.58
CA ARG A 154 -21.23 -9.32 -9.56
C ARG A 154 -22.05 -8.02 -9.65
N GLU A 155 -23.30 -8.02 -9.18
CA GLU A 155 -24.13 -6.80 -9.25
C GLU A 155 -23.59 -5.78 -8.23
N VAL A 156 -23.22 -6.22 -7.03
CA VAL A 156 -22.63 -5.27 -6.03
C VAL A 156 -21.20 -4.88 -6.47
N THR A 157 -20.44 -5.82 -7.04
CA THR A 157 -19.11 -5.51 -7.60
C THR A 157 -19.25 -4.33 -8.60
N LYS A 158 -20.13 -4.48 -9.58
CA LYS A 158 -20.41 -3.45 -10.62
C LYS A 158 -20.85 -2.12 -9.99
N LYS A 159 -21.73 -2.15 -8.99
CA LYS A 159 -22.21 -0.92 -8.28
C LYS A 159 -21.04 -0.17 -7.63
N LEU A 160 -20.12 -0.88 -6.97
CA LEU A 160 -18.94 -0.23 -6.33
C LEU A 160 -18.14 0.54 -7.39
N VAL A 161 -17.89 -0.11 -8.53
CA VAL A 161 -17.13 0.48 -9.65
C VAL A 161 -17.88 1.74 -10.11
N ARG A 162 -19.17 1.62 -10.41
CA ARG A 162 -19.98 2.77 -10.90
C ARG A 162 -19.92 3.92 -9.87
N GLN A 163 -20.05 3.60 -8.57
CA GLN A 163 -20.01 4.60 -7.48
C GLN A 163 -18.63 5.26 -7.47
N ALA A 164 -17.55 4.50 -7.72
CA ALA A 164 -16.17 5.03 -7.75
C ALA A 164 -16.03 6.02 -8.92
N GLU A 165 -16.42 5.59 -10.12
CA GLU A 165 -16.42 6.45 -11.33
C GLU A 165 -17.18 7.74 -11.00
N LYS A 166 -18.36 7.61 -10.42
CA LYS A 166 -19.28 8.75 -10.19
C LYS A 166 -18.66 9.68 -9.15
N MET A 167 -18.01 9.15 -8.11
CA MET A 167 -17.54 9.96 -6.95
C MET A 167 -16.10 10.47 -7.19
N GLY A 168 -15.58 10.39 -8.41
CA GLY A 168 -14.29 11.01 -8.76
C GLY A 168 -13.07 10.21 -8.27
N TYR A 169 -13.18 8.88 -8.13
CA TYR A 169 -12.04 7.98 -7.88
C TYR A 169 -11.31 7.75 -9.21
N LYS A 170 -9.99 7.56 -9.18
CA LYS A 170 -9.15 7.66 -10.41
C LYS A 170 -8.60 6.31 -10.82
N ALA A 171 -8.84 5.25 -10.04
CA ALA A 171 -8.46 3.88 -10.44
C ALA A 171 -9.09 2.81 -9.56
N ILE A 172 -9.09 1.57 -10.07
CA ILE A 172 -9.53 0.32 -9.41
C ILE A 172 -8.27 -0.48 -9.12
N PHE A 173 -8.08 -0.90 -7.87
CA PHE A 173 -7.03 -1.88 -7.56
C PHE A 173 -7.75 -3.18 -7.29
N VAL A 174 -7.68 -4.14 -8.21
CA VAL A 174 -8.42 -5.41 -8.05
C VAL A 174 -7.48 -6.38 -7.33
N THR A 175 -7.89 -6.80 -6.16
CA THR A 175 -7.10 -7.72 -5.30
C THR A 175 -7.34 -9.14 -5.80
N VAL A 176 -6.28 -9.85 -6.14
CA VAL A 176 -6.39 -11.18 -6.79
C VAL A 176 -5.77 -12.27 -5.90
N ASP A 177 -5.35 -11.96 -4.67
CA ASP A 177 -4.58 -12.96 -3.87
C ASP A 177 -5.44 -13.51 -2.72
N THR A 178 -6.73 -13.15 -2.64
CA THR A 178 -7.59 -13.52 -1.50
C THR A 178 -8.84 -14.23 -2.00
N PRO A 179 -8.72 -15.36 -2.73
CA PRO A 179 -9.91 -16.17 -3.05
C PRO A 179 -10.59 -16.74 -1.80
N TYR A 180 -9.77 -16.95 -0.77
CA TYR A 180 -10.10 -17.25 0.64
C TYR A 180 -9.13 -16.45 1.52
N LEU A 181 -9.54 -16.19 2.76
CA LEU A 181 -8.68 -15.53 3.78
C LEU A 181 -7.55 -16.46 4.26
N GLY A 182 -6.33 -15.89 4.40
CA GLY A 182 -5.20 -16.53 5.07
C GLY A 182 -5.56 -16.97 6.47
N ASN A 183 -4.79 -17.89 7.02
CA ASN A 183 -4.96 -18.44 8.38
C ASN A 183 -4.09 -17.58 9.33
N ARG A 184 -4.69 -16.59 9.98
CA ARG A 184 -4.01 -15.75 11.02
C ARG A 184 -4.30 -16.35 12.41
N LEU A 185 -3.26 -16.90 13.05
CA LEU A 185 -3.44 -17.80 14.21
C LEU A 185 -4.00 -17.00 15.39
N ASP A 186 -3.53 -15.76 15.63
CA ASP A 186 -4.02 -14.93 16.76
C ASP A 186 -5.52 -14.65 16.63
N ASP A 187 -6.02 -14.44 15.42
CA ASP A 187 -7.45 -14.16 15.17
C ASP A 187 -8.27 -15.40 15.58
N VAL A 188 -7.78 -16.59 15.24
CA VAL A 188 -8.44 -17.87 15.65
C VAL A 188 -8.39 -17.97 17.18
N ARG A 189 -7.22 -17.75 17.80
CA ARG A 189 -7.09 -17.88 19.27
C ARG A 189 -7.99 -16.86 19.97
N ASN A 190 -8.07 -15.63 19.45
CA ASN A 190 -8.84 -14.54 20.09
C ASN A 190 -10.34 -14.70 19.79
N ARG A 191 -10.73 -15.64 18.92
CA ARG A 191 -12.13 -15.72 18.42
C ARG A 191 -12.51 -14.37 17.81
N PHE A 192 -11.57 -13.68 17.15
CA PHE A 192 -11.88 -12.46 16.35
C PHE A 192 -12.99 -12.79 15.34
N LEU A 222 -14.05 -14.20 10.78
CA LEU A 222 -13.71 -13.43 9.55
C LEU A 222 -13.53 -14.35 8.33
N ALA A 223 -12.77 -15.46 8.40
CA ALA A 223 -12.47 -16.31 7.23
C ALA A 223 -13.79 -16.78 6.60
N ALA A 224 -14.76 -17.16 7.43
CA ALA A 224 -16.09 -17.70 7.03
C ALA A 224 -16.85 -16.61 6.30
N TYR A 225 -16.74 -15.34 6.74
CA TYR A 225 -17.45 -14.22 6.10
C TYR A 225 -16.79 -13.87 4.76
N VAL A 226 -15.47 -13.80 4.71
CA VAL A 226 -14.74 -13.57 3.44
C VAL A 226 -15.18 -14.64 2.42
N ALA A 227 -15.27 -15.90 2.85
CA ALA A 227 -15.57 -17.08 2.02
C ALA A 227 -17.04 -17.01 1.57
N LYS A 228 -17.93 -16.33 2.30
CA LYS A 228 -19.34 -16.10 1.85
C LYS A 228 -19.35 -15.07 0.71
N ALA A 229 -18.59 -13.99 0.81
CA ALA A 229 -18.65 -12.83 -0.12
C ALA A 229 -17.72 -12.99 -1.34
N ILE A 230 -16.45 -13.34 -1.14
CA ILE A 230 -15.42 -13.22 -2.22
C ILE A 230 -15.60 -14.42 -3.13
N ASP A 231 -15.43 -14.26 -4.43
CA ASP A 231 -15.59 -15.39 -5.38
C ASP A 231 -14.24 -16.05 -5.66
N PRO A 232 -14.06 -17.31 -5.20
CA PRO A 232 -12.81 -18.04 -5.38
C PRO A 232 -12.66 -18.65 -6.77
N SER A 233 -13.74 -18.62 -7.57
CA SER A 233 -13.72 -19.15 -8.96
C SER A 233 -13.06 -18.18 -9.95
N ILE A 234 -12.70 -16.94 -9.56
CA ILE A 234 -12.37 -15.93 -10.61
C ILE A 234 -11.08 -16.32 -11.36
N SER A 235 -11.03 -15.98 -12.65
CA SER A 235 -9.93 -16.29 -13.58
C SER A 235 -9.63 -15.04 -14.39
N TRP A 236 -8.73 -15.16 -15.37
CA TRP A 236 -8.41 -14.06 -16.31
C TRP A 236 -9.65 -13.64 -17.10
N GLU A 237 -10.58 -14.55 -17.36
CA GLU A 237 -11.90 -14.21 -17.96
C GLU A 237 -12.60 -13.11 -17.16
N ASP A 238 -12.55 -13.16 -15.83
CA ASP A 238 -13.26 -12.18 -14.97
C ASP A 238 -12.53 -10.84 -15.03
N ILE A 239 -11.21 -10.87 -15.23
CA ILE A 239 -10.36 -9.68 -15.51
C ILE A 239 -10.80 -9.06 -16.85
N LYS A 240 -11.00 -9.87 -17.90
CA LYS A 240 -11.53 -9.33 -19.18
C LYS A 240 -12.84 -8.60 -18.92
N TRP A 241 -13.73 -9.22 -18.15
CA TRP A 241 -15.03 -8.59 -17.77
C TRP A 241 -14.80 -7.22 -17.12
N LEU A 242 -13.94 -7.16 -16.10
CA LEU A 242 -13.73 -5.88 -15.35
C LEU A 242 -13.08 -4.86 -16.30
N ARG A 243 -12.13 -5.28 -17.13
CA ARG A 243 -11.46 -4.38 -18.11
C ARG A 243 -12.51 -3.77 -19.06
N ARG A 244 -13.58 -4.49 -19.39
CA ARG A 244 -14.67 -4.00 -20.28
C ARG A 244 -15.68 -3.16 -19.47
N LEU A 245 -15.87 -3.46 -18.20
CA LEU A 245 -16.85 -2.79 -17.31
C LEU A 245 -16.48 -1.31 -17.14
N THR A 246 -15.20 -0.98 -17.00
CA THR A 246 -14.78 0.40 -16.64
C THR A 246 -13.62 0.84 -17.54
N SER A 247 -13.57 2.14 -17.84
CA SER A 247 -12.42 2.83 -18.47
C SER A 247 -11.48 3.40 -17.41
N LEU A 248 -11.76 3.26 -16.12
CA LEU A 248 -10.75 3.64 -15.10
C LEU A 248 -9.50 2.80 -15.31
N PRO A 249 -8.31 3.36 -15.00
CA PRO A 249 -7.09 2.56 -14.85
C PRO A 249 -7.32 1.38 -13.87
N ILE A 250 -6.83 0.20 -14.18
CA ILE A 250 -6.99 -0.99 -13.31
C ILE A 250 -5.60 -1.50 -12.96
N VAL A 251 -5.34 -1.63 -11.66
CA VAL A 251 -4.09 -2.29 -11.18
C VAL A 251 -4.47 -3.66 -10.60
N ALA A 252 -3.71 -4.67 -10.95
CA ALA A 252 -3.76 -6.01 -10.33
C ALA A 252 -2.94 -5.98 -9.05
N LYS A 253 -3.61 -6.17 -7.93
CA LYS A 253 -2.98 -6.14 -6.60
C LYS A 253 -2.79 -7.56 -6.09
N GLY A 254 -1.54 -7.89 -5.83
CA GLY A 254 -1.16 -9.16 -5.22
C GLY A 254 -0.48 -10.09 -6.17
N ILE A 255 0.14 -9.57 -7.26
CA ILE A 255 0.98 -10.37 -8.19
C ILE A 255 2.36 -10.55 -7.58
N LEU A 256 2.90 -11.76 -7.66
CA LEU A 256 4.26 -12.12 -7.22
C LEU A 256 5.05 -12.85 -8.33
N ARG A 257 4.43 -13.23 -9.42
CA ARG A 257 5.09 -14.00 -10.52
C ARG A 257 5.24 -13.10 -11.76
N GLY A 258 6.39 -13.18 -12.44
CA GLY A 258 6.61 -12.57 -13.77
C GLY A 258 5.55 -12.96 -14.80
N ASP A 259 5.23 -14.25 -14.91
CA ASP A 259 4.27 -14.74 -15.94
C ASP A 259 2.88 -14.13 -15.68
N ASP A 260 2.43 -14.03 -14.43
CA ASP A 260 1.14 -13.40 -14.10
C ASP A 260 1.19 -11.89 -14.44
N ALA A 261 2.32 -11.24 -14.21
CA ALA A 261 2.44 -9.79 -14.51
C ALA A 261 2.23 -9.59 -16.01
N ARG A 262 2.83 -10.46 -16.81
CA ARG A 262 2.74 -10.39 -18.28
C ARG A 262 1.32 -10.65 -18.71
N GLU A 263 0.63 -11.60 -18.05
CA GLU A 263 -0.79 -11.91 -18.33
C GLU A 263 -1.62 -10.63 -18.02
N ALA A 264 -1.30 -9.91 -16.95
CA ALA A 264 -1.97 -8.63 -16.57
C ALA A 264 -1.79 -7.56 -17.66
N VAL A 265 -0.57 -7.37 -18.18
CA VAL A 265 -0.31 -6.45 -19.33
C VAL A 265 -1.18 -6.90 -20.52
N LYS A 266 -1.12 -8.18 -20.90
CA LYS A 266 -1.84 -8.75 -22.08
C LYS A 266 -3.35 -8.48 -21.97
N HIS A 267 -3.91 -8.43 -20.77
CA HIS A 267 -5.35 -8.20 -20.55
C HIS A 267 -5.68 -6.72 -20.47
N GLY A 268 -4.76 -5.81 -20.78
CA GLY A 268 -5.06 -4.36 -20.89
C GLY A 268 -5.06 -3.67 -19.54
N LEU A 269 -4.52 -4.32 -18.52
CA LEU A 269 -4.40 -3.71 -17.17
C LEU A 269 -3.32 -2.62 -17.22
N ASN A 270 -3.40 -1.66 -16.28
CA ASN A 270 -2.59 -0.42 -16.33
C ASN A 270 -1.47 -0.44 -15.27
N GLY A 271 -1.46 -1.41 -14.36
CA GLY A 271 -0.48 -1.42 -13.28
C GLY A 271 -0.38 -2.77 -12.61
N ILE A 272 0.75 -3.02 -11.96
CA ILE A 272 0.92 -4.19 -11.06
C ILE A 272 1.25 -3.67 -9.66
N LEU A 273 0.49 -4.07 -8.66
CA LEU A 273 0.90 -3.82 -7.24
C LEU A 273 1.47 -5.14 -6.72
N VAL A 274 2.79 -5.21 -6.69
CA VAL A 274 3.58 -6.32 -6.11
C VAL A 274 3.27 -6.32 -4.61
N SER A 275 2.53 -7.32 -4.18
CA SER A 275 1.94 -7.43 -2.84
C SER A 275 1.81 -8.90 -2.44
N ASN A 276 2.08 -9.21 -1.17
CA ASN A 276 1.74 -10.52 -0.56
C ASN A 276 0.68 -10.23 0.50
N HIS A 277 -0.05 -9.12 0.34
CA HIS A 277 -1.20 -8.74 1.20
C HIS A 277 -0.69 -8.55 2.64
N GLY A 278 0.46 -7.92 2.83
CA GLY A 278 1.08 -7.72 4.15
C GLY A 278 1.44 -9.03 4.84
N ALA A 279 1.76 -10.07 4.06
CA ALA A 279 2.14 -11.42 4.51
C ALA A 279 0.97 -12.08 5.29
N ARG A 280 -0.28 -11.76 4.95
CA ARG A 280 -1.50 -12.22 5.68
C ARG A 280 -2.23 -13.32 4.91
N GLN A 281 -1.72 -13.73 3.76
CA GLN A 281 -2.41 -14.69 2.87
C GLN A 281 -1.61 -15.99 2.84
N LEU A 282 -0.82 -16.22 1.82
CA LEU A 282 0.04 -17.42 1.74
C LEU A 282 1.36 -17.13 2.47
N ASP A 283 1.66 -17.85 3.55
CA ASP A 283 2.94 -17.71 4.27
C ASP A 283 4.02 -18.52 3.56
N GLY A 284 5.24 -17.97 3.47
CA GLY A 284 6.36 -18.60 2.76
C GLY A 284 6.50 -18.12 1.32
N VAL A 285 5.74 -17.11 0.92
CA VAL A 285 6.03 -16.42 -0.35
C VAL A 285 7.20 -15.49 -0.03
N PRO A 286 7.90 -15.03 -1.08
CA PRO A 286 9.01 -14.09 -0.91
C PRO A 286 8.53 -12.71 -0.42
N ALA A 287 9.46 -11.93 0.10
CA ALA A 287 9.31 -10.50 0.42
C ALA A 287 9.02 -9.77 -0.89
N THR A 288 8.10 -8.80 -0.90
CA THR A 288 7.81 -8.02 -2.11
C THR A 288 9.07 -7.34 -2.66
N ILE A 289 9.97 -6.82 -1.84
CA ILE A 289 11.16 -6.10 -2.35
C ILE A 289 12.07 -7.08 -3.12
N ASP A 290 12.02 -8.37 -2.79
CA ASP A 290 12.83 -9.40 -3.47
C ASP A 290 12.21 -9.76 -4.83
N VAL A 291 10.88 -9.87 -4.97
CA VAL A 291 10.28 -10.21 -6.30
C VAL A 291 10.10 -8.96 -7.20
N LEU A 292 10.05 -7.76 -6.65
CA LEU A 292 9.85 -6.50 -7.43
C LEU A 292 10.71 -6.47 -8.71
N PRO A 293 12.05 -6.70 -8.64
CA PRO A 293 12.88 -6.58 -9.84
C PRO A 293 12.51 -7.57 -10.95
N GLU A 294 12.10 -8.79 -10.60
CA GLU A 294 11.69 -9.80 -11.58
C GLU A 294 10.40 -9.30 -12.26
N ILE A 295 9.46 -8.75 -11.51
CA ILE A 295 8.17 -8.20 -12.05
C ILE A 295 8.47 -6.99 -12.93
N VAL A 296 9.31 -6.07 -12.49
CA VAL A 296 9.69 -4.88 -13.30
C VAL A 296 10.28 -5.36 -14.65
N GLU A 297 11.20 -6.31 -14.62
CA GLU A 297 11.84 -6.92 -15.82
C GLU A 297 10.77 -7.56 -16.70
N ALA A 298 9.86 -8.33 -16.10
CA ALA A 298 8.80 -9.07 -16.80
C ALA A 298 7.90 -8.12 -17.60
N VAL A 299 7.58 -6.92 -17.09
CA VAL A 299 6.57 -6.06 -17.77
C VAL A 299 7.20 -5.12 -18.82
N GLU A 300 8.54 -5.03 -18.90
CA GLU A 300 9.26 -4.26 -19.96
C GLU A 300 8.70 -2.84 -20.09
N GLY A 301 8.41 -2.16 -18.98
CA GLY A 301 7.95 -0.76 -18.95
C GLY A 301 6.57 -0.55 -19.55
N LYS A 302 5.76 -1.57 -19.72
CA LYS A 302 4.42 -1.41 -20.34
C LYS A 302 3.42 -0.86 -19.34
N VAL A 303 3.62 -1.12 -18.04
CA VAL A 303 2.71 -0.68 -16.96
C VAL A 303 3.59 -0.29 -15.77
N GLU A 304 3.07 0.61 -14.97
CA GLU A 304 3.63 1.03 -13.67
C GLU A 304 3.62 -0.18 -12.75
N VAL A 305 4.68 -0.33 -11.98
CA VAL A 305 4.80 -1.39 -10.96
C VAL A 305 4.91 -0.69 -9.59
N PHE A 306 4.10 -1.10 -8.63
CA PHE A 306 4.03 -0.54 -7.27
C PHE A 306 4.48 -1.63 -6.31
N LEU A 307 4.81 -1.26 -5.08
CA LEU A 307 5.09 -2.26 -4.04
C LEU A 307 4.32 -1.93 -2.76
N ASP A 308 3.91 -2.96 -2.02
CA ASP A 308 3.62 -2.84 -0.58
C ASP A 308 4.20 -4.05 0.13
N GLY A 309 4.17 -3.99 1.46
CA GLY A 309 4.63 -5.06 2.35
C GLY A 309 5.97 -4.71 2.97
N GLY A 310 5.92 -4.21 4.21
CA GLY A 310 7.10 -3.99 5.06
C GLY A 310 7.70 -2.60 4.89
N VAL A 311 7.05 -1.68 4.19
CA VAL A 311 7.52 -0.27 4.14
C VAL A 311 7.29 0.39 5.49
N ARG A 312 8.39 0.74 6.17
CA ARG A 312 8.37 1.35 7.52
C ARG A 312 9.25 2.62 7.60
N LYS A 313 10.17 2.82 6.65
CA LYS A 313 11.26 3.81 6.71
C LYS A 313 11.47 4.45 5.35
N GLY A 314 12.02 5.65 5.34
CA GLY A 314 12.34 6.35 4.09
C GLY A 314 13.25 5.53 3.20
N THR A 315 14.22 4.79 3.75
CA THR A 315 15.18 3.98 2.94
C THR A 315 14.47 2.82 2.26
N ASP A 316 13.36 2.34 2.81
CA ASP A 316 12.53 1.27 2.18
C ASP A 316 11.93 1.82 0.89
N VAL A 317 11.42 3.06 0.93
CA VAL A 317 10.83 3.74 -0.26
C VAL A 317 11.93 3.88 -1.31
N LEU A 318 13.11 4.37 -0.92
CA LEU A 318 14.23 4.63 -1.86
C LEU A 318 14.64 3.31 -2.52
N LYS A 319 14.72 2.22 -1.74
CA LYS A 319 15.18 0.90 -2.25
C LYS A 319 14.17 0.42 -3.31
N ALA A 320 12.87 0.53 -3.04
CA ALA A 320 11.80 0.11 -3.96
C ALA A 320 11.85 0.89 -5.27
N LEU A 321 12.01 2.22 -5.20
CA LEU A 321 12.11 3.04 -6.43
C LEU A 321 13.40 2.71 -7.18
N ALA A 322 14.51 2.47 -6.49
CA ALA A 322 15.79 2.09 -7.13
C ALA A 322 15.59 0.78 -7.93
N LEU A 323 14.73 -0.10 -7.43
CA LEU A 323 14.45 -1.39 -8.14
C LEU A 323 13.29 -1.26 -9.14
N GLY A 324 12.76 -0.04 -9.37
CA GLY A 324 11.83 0.22 -10.49
C GLY A 324 10.38 0.36 -10.09
N ALA A 325 10.05 0.45 -8.80
CA ALA A 325 8.66 0.74 -8.37
C ALA A 325 8.41 2.23 -8.63
N LYS A 326 7.22 2.58 -9.08
CA LYS A 326 6.80 3.97 -9.30
C LYS A 326 6.51 4.59 -7.94
N ALA A 327 5.91 3.80 -7.07
CA ALA A 327 5.47 4.28 -5.75
C ALA A 327 5.28 3.06 -4.86
N VAL A 328 5.24 3.33 -3.58
CA VAL A 328 4.92 2.28 -2.57
C VAL A 328 3.65 2.64 -1.83
N PHE A 329 3.02 1.59 -1.31
CA PHE A 329 1.83 1.71 -0.45
C PHE A 329 2.20 1.23 0.94
N VAL A 330 1.58 1.88 1.92
CA VAL A 330 1.69 1.49 3.34
C VAL A 330 0.31 1.06 3.84
N GLY A 331 0.30 -0.04 4.59
CA GLY A 331 -0.94 -0.57 5.21
C GLY A 331 -0.93 -0.28 6.68
N ARG A 332 -0.25 -1.12 7.43
CA ARG A 332 -0.28 -1.08 8.91
C ARG A 332 0.10 0.29 9.47
N PRO A 333 1.17 1.01 8.99
CA PRO A 333 1.57 2.28 9.56
C PRO A 333 0.40 3.28 9.69
N ILE A 334 -0.52 3.26 8.73
CA ILE A 334 -1.70 4.15 8.67
C ILE A 334 -2.63 3.82 9.83
N VAL A 335 -2.88 2.53 10.07
CA VAL A 335 -3.70 2.05 11.21
C VAL A 335 -3.07 2.48 12.53
N TRP A 336 -1.75 2.34 12.66
CA TRP A 336 -1.05 2.76 13.90
C TRP A 336 -1.25 4.28 14.05
N GLY A 337 -1.24 5.01 12.94
CA GLY A 337 -1.48 6.47 12.95
C GLY A 337 -2.86 6.78 13.52
N LEU A 338 -3.89 6.13 12.97
CA LEU A 338 -5.30 6.24 13.41
C LEU A 338 -5.39 5.96 14.90
N ALA A 339 -4.78 4.85 15.36
CA ALA A 339 -4.81 4.40 16.77
C ALA A 339 -4.19 5.45 17.69
N PHE A 340 -3.16 6.15 17.24
CA PHE A 340 -2.54 7.26 18.03
C PHE A 340 -3.45 8.50 18.08
N GLN A 341 -3.97 9.01 16.95
CA GLN A 341 -4.68 10.32 16.96
C GLN A 341 -5.47 10.56 15.69
N GLY A 342 -6.15 9.53 15.15
CA GLY A 342 -7.05 9.77 14.02
C GLY A 342 -6.35 10.49 12.87
N GLU A 343 -6.95 11.55 12.35
CA GLU A 343 -6.43 12.26 11.17
C GLU A 343 -4.98 12.71 11.38
N LYS A 344 -4.70 13.37 12.50
CA LYS A 344 -3.35 13.93 12.83
CA LYS A 344 -3.37 13.93 12.81
C LYS A 344 -2.33 12.80 12.91
N GLY A 345 -2.72 11.65 13.47
CA GLY A 345 -1.85 10.46 13.58
C GLY A 345 -1.48 9.93 12.22
N VAL A 346 -2.45 9.84 11.34
CA VAL A 346 -2.18 9.42 9.94
C VAL A 346 -1.29 10.46 9.26
N GLN A 347 -1.61 11.75 9.40
CA GLN A 347 -0.76 12.82 8.84
C GLN A 347 0.69 12.69 9.35
N ASP A 348 0.88 12.48 10.67
CA ASP A 348 2.20 12.26 11.34
C ASP A 348 2.99 11.10 10.68
N VAL A 349 2.36 9.96 10.55
CA VAL A 349 2.98 8.75 9.92
C VAL A 349 3.41 9.12 8.51
N LEU A 350 2.52 9.71 7.72
CA LEU A 350 2.84 10.06 6.31
C LEU A 350 3.95 11.12 6.27
N GLU A 351 3.98 12.05 7.23
CA GLU A 351 5.01 13.13 7.27
C GLU A 351 6.34 12.50 7.68
N ILE A 352 6.32 11.54 8.60
CA ILE A 352 7.56 10.85 9.01
C ILE A 352 8.18 10.13 7.80
N LEU A 353 7.36 9.41 7.05
CA LEU A 353 7.84 8.66 5.88
C LEU A 353 8.32 9.66 4.84
N LYS A 354 7.57 10.73 4.64
CA LYS A 354 7.95 11.78 3.68
C LYS A 354 9.38 12.28 3.97
N GLU A 355 9.61 12.81 5.17
CA GLU A 355 10.89 13.42 5.62
C GLU A 355 12.02 12.39 5.73
N GLU A 356 11.75 11.15 6.18
CA GLU A 356 12.78 10.09 6.10
C GLU A 356 13.19 9.88 4.64
N PHE A 357 12.20 9.86 3.77
CA PHE A 357 12.44 9.61 2.32
C PHE A 357 13.25 10.78 1.78
N ARG A 358 12.88 12.00 2.15
CA ARG A 358 13.59 13.20 1.64
C ARG A 358 15.06 13.11 2.06
N LEU A 359 15.29 12.76 3.32
CA LEU A 359 16.69 12.70 3.82
C LEU A 359 17.44 11.58 3.09
N ALA A 360 16.79 10.42 2.93
CA ALA A 360 17.46 9.25 2.29
C ALA A 360 17.82 9.65 0.85
N MET A 361 16.91 10.32 0.15
CA MET A 361 17.21 10.87 -1.20
CA MET A 361 17.17 10.90 -1.20
C MET A 361 18.41 11.82 -1.15
N ALA A 362 18.39 12.77 -0.23
CA ALA A 362 19.44 13.78 -0.12
C ALA A 362 20.78 13.11 0.17
N LEU A 363 20.83 12.23 1.15
CA LEU A 363 22.12 11.63 1.56
C LEU A 363 22.64 10.73 0.44
N SER A 364 21.79 10.31 -0.48
CA SER A 364 22.19 9.39 -1.57
C SER A 364 22.50 10.11 -2.89
N GLY A 365 22.35 11.42 -2.92
CA GLY A 365 22.66 12.29 -4.07
C GLY A 365 21.50 12.45 -5.05
N CYS A 366 20.26 12.17 -4.65
CA CYS A 366 19.08 12.24 -5.53
C CYS A 366 18.26 13.51 -5.22
N GLN A 367 18.23 14.44 -6.14
CA GLN A 367 17.49 15.73 -6.00
CA GLN A 367 17.50 15.73 -6.02
C GLN A 367 15.99 15.51 -6.24
N ASN A 368 15.64 14.47 -6.99
CA ASN A 368 14.24 14.13 -7.36
C ASN A 368 14.15 12.64 -7.71
N VAL A 369 12.95 12.09 -7.93
CA VAL A 369 12.79 10.62 -8.13
C VAL A 369 13.26 10.18 -9.52
N LYS A 370 13.35 11.09 -10.49
CA LYS A 370 13.82 10.76 -11.88
C LYS A 370 15.26 10.23 -11.93
N VAL A 371 16.08 10.60 -10.97
CA VAL A 371 17.53 10.29 -10.93
C VAL A 371 17.79 9.08 -10.04
N ILE A 372 16.76 8.47 -9.43
CA ILE A 372 16.88 7.23 -8.63
C ILE A 372 17.03 6.05 -9.58
N ASP A 373 18.19 5.37 -9.56
CA ASP A 373 18.55 4.34 -10.57
C ASP A 373 18.88 3.02 -9.85
N LYS A 374 19.00 1.93 -10.62
CA LYS A 374 19.30 0.60 -10.08
C LYS A 374 20.75 0.55 -9.60
N THR A 375 21.65 1.48 -9.95
CA THR A 375 23.02 1.43 -9.39
C THR A 375 23.04 1.96 -7.96
N LEU A 376 21.93 2.48 -7.45
CA LEU A 376 21.84 2.90 -6.02
C LEU A 376 21.84 1.69 -5.08
N VAL A 377 21.50 0.49 -5.57
CA VAL A 377 21.25 -0.67 -4.67
C VAL A 377 21.95 -1.93 -5.23
N ARG A 378 22.19 -2.91 -4.35
CA ARG A 378 22.87 -4.19 -4.66
C ARG A 378 22.47 -5.17 -3.56
N LYS A 379 22.00 -6.38 -3.87
CA LYS A 379 21.53 -7.29 -2.80
C LYS A 379 22.75 -7.95 -2.15
N ASN A 380 22.71 -8.11 -0.83
CA ASN A 380 23.77 -8.68 0.03
C ASN A 380 23.15 -9.67 1.03
#